data_5C0P
#
_entry.id   5C0P
#
_cell.length_a   83.804
_cell.length_b   83.804
_cell.length_c   43.366
_cell.angle_alpha   90.00
_cell.angle_beta   90.00
_cell.angle_gamma   90.00
#
_symmetry.space_group_name_H-M   'P 43'
#
loop_
_entity.id
_entity.type
_entity.pdbx_description
1 polymer Endo-arabinase
2 non-polymer 'MAGNESIUM ION'
3 non-polymer 'CHLORIDE ION'
4 non-polymer GLYCEROL
5 non-polymer 2-AMINO-2-HYDROXYMETHYL-PROPANE-1,3-DIOL
6 water water
#
_entity_poly.entity_id   1
_entity_poly.type   'polypeptide(L)'
_entity_poly.pdbx_seq_one_letter_code
;SNATSSTEPDEVGGESFTIPVSSLRLRDPFILVDKKTS(MSE)YYLHFNNNLKIRVYKSKDLSTWKDEGYSFIAKSDFWG
QQDFWAPDVYEYEGRYYLFTTFSNAGVKRGTSILVSDSPKGPFTPLVNKAITPSGW(MSE)CLDGSLYIDKEGNPWLLFC
REWLETIDGEIYAQRLAKDLKTTEGDPYLLFKASEAPWVGSITSSGVTGNVTDAPFIYRLDDGKLI(MSE)LWSSFRKTD
GKYAIGQAVSASGNVLGPWVQEPETLNSDDGGHA(MSE)VFKDLKGRL(MSE)ISYHAPNSQTEHPVITPIYIKDGKF
;
_entity_poly.pdbx_strand_id   A
#
# COMPACT_ATOMS: atom_id res chain seq x y z
N GLU A 15 7.21 27.79 9.67
CA GLU A 15 7.05 26.85 8.58
C GLU A 15 5.93 27.25 7.63
N SER A 16 6.22 27.31 6.34
CA SER A 16 5.17 27.63 5.39
C SER A 16 4.81 26.41 4.53
N PHE A 17 3.52 26.26 4.27
CA PHE A 17 3.01 25.12 3.52
C PHE A 17 2.33 25.69 2.29
N THR A 18 3.04 25.66 1.17
CA THR A 18 2.63 26.42 -0.01
C THR A 18 2.18 25.56 -1.20
N ILE A 19 2.25 24.25 -1.05
CA ILE A 19 1.92 23.33 -2.13
C ILE A 19 0.48 22.86 -1.98
N PRO A 20 -0.42 23.29 -2.88
CA PRO A 20 -1.81 22.87 -2.73
C PRO A 20 -1.97 21.39 -3.04
N VAL A 21 -2.83 20.70 -2.30
CA VAL A 21 -3.05 19.27 -2.53
C VAL A 21 -3.48 18.99 -3.98
N SER A 22 -4.20 19.93 -4.59
CA SER A 22 -4.68 19.76 -5.96
C SER A 22 -3.53 19.74 -6.97
N SER A 23 -2.36 20.24 -6.58
CA SER A 23 -1.22 20.34 -7.49
C SER A 23 -0.31 19.11 -7.43
N LEU A 24 -0.54 18.24 -6.46
CA LEU A 24 0.29 17.06 -6.30
C LEU A 24 0.08 16.10 -7.47
N ARG A 25 1.18 15.57 -8.00
CA ARG A 25 1.16 14.59 -9.06
C ARG A 25 1.99 13.40 -8.62
N LEU A 26 1.31 12.32 -8.26
CA LEU A 26 1.97 11.14 -7.72
C LEU A 26 0.97 9.99 -7.72
N ARG A 27 1.50 8.78 -7.60
CA ARG A 27 0.70 7.56 -7.54
C ARG A 27 0.73 6.99 -6.14
N ASP A 28 -0.24 6.14 -5.85
CA ASP A 28 -0.21 5.29 -4.65
C ASP A 28 -0.05 6.04 -3.32
N PRO A 29 -0.84 7.12 -3.12
CA PRO A 29 -0.57 7.95 -1.93
C PRO A 29 -1.00 7.34 -0.61
N PHE A 30 -0.01 7.10 0.24
CA PHE A 30 -0.23 6.60 1.58
C PHE A 30 -0.04 7.76 2.56
N ILE A 31 -1.03 8.01 3.39
CA ILE A 31 -0.95 9.10 4.37
C ILE A 31 -0.58 8.56 5.75
N LEU A 32 0.57 8.98 6.26
CA LEU A 32 0.97 8.69 7.63
C LEU A 32 0.40 9.78 8.53
N VAL A 33 -0.48 9.40 9.45
CA VAL A 33 -0.96 10.33 10.49
C VAL A 33 -0.09 10.15 11.71
N ASP A 34 0.76 11.13 11.99
CA ASP A 34 1.70 11.00 13.10
C ASP A 34 1.27 11.86 14.27
N LYS A 35 0.74 11.22 15.32
CA LYS A 35 0.33 11.98 16.49
C LYS A 35 1.52 12.65 17.18
N LYS A 36 2.66 11.97 17.17
CA LYS A 36 3.83 12.45 17.91
C LYS A 36 4.24 13.85 17.51
N THR A 37 4.38 14.07 16.19
CA THR A 37 4.75 15.38 15.67
C THR A 37 3.52 16.18 15.25
N SER A 38 2.35 15.55 15.37
CA SER A 38 1.07 16.20 15.05
C SER A 38 1.03 16.72 13.62
N TYR A 40 0.73 15.24 9.19
CA TYR A 40 0.51 14.21 8.18
C TYR A 40 1.73 14.17 7.26
N TYR A 41 2.13 12.96 6.86
CA TYR A 41 3.28 12.80 5.98
C TYR A 41 2.90 11.99 4.76
N LEU A 42 3.34 12.44 3.60
CA LEU A 42 3.11 11.74 2.34
C LEU A 42 4.47 11.46 1.70
N HIS A 43 4.92 10.22 1.84
CA HIS A 43 6.14 9.75 1.19
C HIS A 43 5.76 9.19 -0.17
N PHE A 44 6.55 9.51 -1.20
CA PHE A 44 6.20 9.06 -2.54
C PHE A 44 7.42 8.78 -3.41
N ASN A 45 7.22 7.93 -4.42
CA ASN A 45 8.26 7.67 -5.40
C ASN A 45 8.53 8.93 -6.23
N ASN A 46 9.75 9.45 -6.14
CA ASN A 46 10.13 10.66 -6.83
C ASN A 46 11.24 10.34 -7.84
N ASN A 47 11.17 9.13 -8.37
CA ASN A 47 12.11 8.59 -9.37
C ASN A 47 13.43 8.14 -8.74
N LEU A 48 13.49 6.86 -8.38
CA LEU A 48 14.68 6.24 -7.76
C LEU A 48 15.08 6.92 -6.46
N LYS A 49 14.07 7.46 -5.78
CA LYS A 49 14.23 8.00 -4.44
C LYS A 49 12.87 8.25 -3.85
N ILE A 50 12.80 8.27 -2.52
CA ILE A 50 11.54 8.56 -1.86
C ILE A 50 11.58 9.97 -1.32
N ARG A 51 10.60 10.77 -1.75
CA ARG A 51 10.46 12.16 -1.32
C ARG A 51 9.36 12.21 -0.28
N VAL A 52 9.43 13.17 0.65
CA VAL A 52 8.39 13.28 1.66
C VAL A 52 7.86 14.71 1.76
N TYR A 53 6.54 14.83 1.69
CA TYR A 53 5.87 16.11 1.94
C TYR A 53 5.13 16.00 3.26
N LYS A 54 4.90 17.14 3.90
CA LYS A 54 4.30 17.18 5.22
C LYS A 54 3.16 18.20 5.22
N SER A 55 2.15 17.96 6.05
CA SER A 55 0.97 18.84 6.09
C SER A 55 0.34 18.89 7.46
N LYS A 56 -0.20 20.05 7.84
CA LYS A 56 -0.96 20.17 9.08
C LYS A 56 -2.39 19.68 8.91
N ASP A 57 -2.91 19.68 7.68
CA ASP A 57 -4.35 19.55 7.49
C ASP A 57 -4.82 18.80 6.25
N LEU A 58 -3.85 18.29 5.48
CA LEU A 58 -4.07 17.56 4.21
C LEU A 58 -4.35 18.47 3.02
N SER A 59 -4.52 19.77 3.27
CA SER A 59 -4.89 20.72 2.22
C SER A 59 -3.68 21.40 1.60
N THR A 60 -2.76 21.87 2.42
CA THR A 60 -1.53 22.48 1.91
C THR A 60 -0.31 21.73 2.44
N TRP A 61 0.70 21.61 1.59
CA TRP A 61 1.83 20.73 1.86
C TRP A 61 3.17 21.46 1.82
N LYS A 62 4.17 20.88 2.48
CA LYS A 62 5.52 21.41 2.51
C LYS A 62 6.52 20.32 2.14
N ASP A 63 7.49 20.66 1.30
CA ASP A 63 8.53 19.73 0.90
C ASP A 63 9.51 19.55 2.06
N GLU A 64 9.67 18.30 2.51
CA GLU A 64 10.62 17.97 3.56
C GLU A 64 11.80 17.15 3.03
N GLY A 65 11.98 17.12 1.71
CA GLY A 65 13.17 16.53 1.15
C GLY A 65 13.05 15.03 0.94
N TYR A 66 14.18 14.34 0.95
CA TYR A 66 14.18 12.91 0.65
C TYR A 66 14.27 12.09 1.92
N SER A 67 13.35 11.13 2.04
CA SER A 67 13.32 10.24 3.19
C SER A 67 14.11 8.96 2.92
N PHE A 68 14.31 8.61 1.65
CA PHE A 68 15.19 7.49 1.32
C PHE A 68 15.89 7.64 -0.02
N ILE A 69 17.23 7.64 0.04
CA ILE A 69 18.08 7.51 -1.14
C ILE A 69 18.93 6.29 -0.90
N ALA A 70 18.88 5.32 -1.82
CA ALA A 70 19.63 4.07 -1.63
C ALA A 70 21.12 4.30 -1.72
N LYS A 71 21.87 3.72 -0.79
CA LYS A 71 23.31 3.62 -0.93
C LYS A 71 23.60 2.57 -1.99
N SER A 72 24.83 2.53 -2.49
N SER A 72 24.84 2.53 -2.48
CA SER A 72 25.17 1.64 -3.61
CA SER A 72 25.22 1.64 -3.57
C SER A 72 25.09 0.15 -3.24
C SER A 72 25.07 0.16 -3.23
N ASP A 73 25.18 -0.16 -1.94
CA ASP A 73 25.11 -1.54 -1.50
C ASP A 73 23.70 -2.03 -1.15
N PHE A 74 22.70 -1.15 -1.28
CA PHE A 74 21.32 -1.58 -1.07
C PHE A 74 20.92 -2.58 -2.13
N TRP A 75 20.18 -3.61 -1.72
CA TRP A 75 19.88 -4.72 -2.61
C TRP A 75 19.04 -4.33 -3.81
N GLY A 76 18.17 -3.33 -3.64
CA GLY A 76 17.19 -3.01 -4.66
C GLY A 76 17.40 -1.64 -5.26
N GLN A 77 18.12 -1.59 -6.37
CA GLN A 77 18.46 -0.31 -6.97
C GLN A 77 17.40 0.20 -7.94
N GLN A 78 16.42 -0.63 -8.25
CA GLN A 78 15.38 -0.25 -9.22
C GLN A 78 14.00 -0.14 -8.59
N ASP A 79 13.12 0.58 -9.29
CA ASP A 79 11.68 0.70 -8.99
C ASP A 79 11.31 1.77 -7.96
N PHE A 80 11.53 1.50 -6.67
CA PHE A 80 11.12 2.42 -5.59
C PHE A 80 9.60 2.64 -5.61
N TRP A 81 8.84 1.59 -5.86
CA TRP A 81 7.40 1.71 -6.06
C TRP A 81 6.61 1.77 -4.77
N ALA A 82 5.61 2.66 -4.76
CA ALA A 82 4.52 2.64 -3.81
C ALA A 82 4.93 2.53 -2.34
N PRO A 83 5.62 3.54 -1.83
CA PRO A 83 5.96 3.51 -0.40
C PRO A 83 4.74 3.63 0.53
N ASP A 84 4.79 2.89 1.63
CA ASP A 84 3.89 3.06 2.78
C ASP A 84 4.79 3.37 3.96
N VAL A 85 4.31 4.15 4.94
CA VAL A 85 5.09 4.36 6.15
C VAL A 85 4.22 4.16 7.38
N TYR A 86 4.71 3.34 8.31
CA TYR A 86 3.96 2.99 9.50
C TYR A 86 4.70 3.40 10.76
N GLU A 87 3.97 3.90 11.74
CA GLU A 87 4.54 4.05 13.07
C GLU A 87 4.33 2.72 13.79
N TYR A 88 5.38 2.20 14.38
CA TYR A 88 5.30 0.92 15.07
C TYR A 88 6.27 0.86 16.24
N GLU A 89 5.71 0.75 17.44
CA GLU A 89 6.48 0.68 18.67
C GLU A 89 7.55 1.78 18.78
N GLY A 90 7.19 3.00 18.42
CA GLY A 90 8.05 4.14 18.67
C GLY A 90 8.99 4.51 17.53
N ARG A 91 9.02 3.68 16.49
CA ARG A 91 9.82 4.01 15.31
C ARG A 91 8.95 4.01 14.05
N TYR A 92 9.58 4.35 12.92
CA TYR A 92 8.83 4.48 11.68
C TYR A 92 9.41 3.55 10.64
N TYR A 93 8.52 2.86 9.92
CA TYR A 93 8.93 1.82 8.98
C TYR A 93 8.38 2.07 7.59
N LEU A 94 9.29 2.17 6.64
CA LEU A 94 8.98 2.38 5.24
C LEU A 94 8.95 1.02 4.53
N PHE A 95 7.83 0.72 3.88
CA PHE A 95 7.66 -0.49 3.08
C PHE A 95 7.61 -0.03 1.61
N THR A 96 8.63 -0.41 0.83
CA THR A 96 8.73 0.03 -0.56
C THR A 96 9.18 -1.14 -1.43
N THR A 97 8.77 -1.13 -2.69
CA THR A 97 9.06 -2.24 -3.59
C THR A 97 10.23 -1.92 -4.51
N PHE A 98 11.16 -2.86 -4.63
CA PHE A 98 12.37 -2.67 -5.40
C PHE A 98 12.66 -3.91 -6.23
N SER A 99 13.58 -3.79 -7.18
CA SER A 99 14.14 -4.95 -7.85
C SER A 99 15.59 -4.65 -8.19
N ASN A 100 16.29 -5.64 -8.72
CA ASN A 100 17.67 -5.44 -9.15
C ASN A 100 17.98 -6.46 -10.20
N ALA A 101 19.05 -6.24 -10.96
CA ALA A 101 19.53 -7.28 -11.86
C ALA A 101 19.82 -8.52 -11.02
N GLY A 102 19.25 -9.65 -11.41
CA GLY A 102 19.49 -10.91 -10.73
C GLY A 102 18.74 -11.13 -9.42
N VAL A 103 17.82 -10.23 -9.07
CA VAL A 103 16.98 -10.41 -7.89
C VAL A 103 15.53 -10.10 -8.25
N LYS A 104 14.62 -11.01 -7.91
CA LYS A 104 13.21 -10.76 -8.18
C LYS A 104 12.68 -9.56 -7.41
N ARG A 105 11.70 -8.89 -8.01
CA ARG A 105 11.03 -7.77 -7.37
C ARG A 105 10.46 -8.20 -6.02
N GLY A 106 10.60 -7.32 -5.02
CA GLY A 106 10.03 -7.59 -3.72
C GLY A 106 9.90 -6.32 -2.90
N THR A 107 9.16 -6.41 -1.80
CA THR A 107 9.01 -5.28 -0.90
C THR A 107 10.00 -5.44 0.23
N SER A 108 10.71 -4.37 0.58
CA SER A 108 11.57 -4.44 1.75
C SER A 108 11.22 -3.36 2.76
N ILE A 109 11.74 -3.54 3.97
CA ILE A 109 11.38 -2.70 5.10
C ILE A 109 12.59 -1.89 5.56
N LEU A 110 12.37 -0.59 5.76
CA LEU A 110 13.42 0.32 6.18
C LEU A 110 12.91 1.05 7.42
N VAL A 111 13.83 1.56 8.22
CA VAL A 111 13.43 2.09 9.53
C VAL A 111 14.06 3.48 9.80
N SER A 112 13.33 4.30 10.55
CA SER A 112 13.83 5.62 10.97
C SER A 112 13.28 5.95 12.34
N ASP A 113 13.95 6.86 13.04
CA ASP A 113 13.45 7.36 14.31
C ASP A 113 12.41 8.46 14.06
N SER A 114 12.33 8.93 12.82
CA SER A 114 11.51 10.09 12.48
C SER A 114 10.48 9.75 11.41
N PRO A 115 9.29 10.39 11.49
CA PRO A 115 8.26 10.14 10.48
C PRO A 115 8.63 10.67 9.10
N LYS A 116 9.64 11.53 9.01
CA LYS A 116 10.11 11.99 7.70
C LYS A 116 11.45 11.39 7.27
N GLY A 117 11.87 10.32 7.95
CA GLY A 117 13.16 9.72 7.63
C GLY A 117 14.31 10.52 8.21
N PRO A 118 15.56 10.20 7.81
CA PRO A 118 15.95 9.26 6.76
C PRO A 118 15.79 7.80 7.20
N PHE A 119 15.42 6.97 6.25
CA PHE A 119 15.26 5.53 6.50
C PHE A 119 16.52 4.77 6.12
N THR A 120 16.84 3.74 6.90
CA THR A 120 17.92 2.82 6.56
C THR A 120 17.34 1.41 6.53
N PRO A 121 17.94 0.51 5.73
CA PRO A 121 17.37 -0.84 5.61
C PRO A 121 17.32 -1.57 6.94
N LEU A 122 16.15 -2.12 7.27
CA LEU A 122 16.01 -2.90 8.49
C LEU A 122 16.83 -4.18 8.35
N VAL A 123 16.66 -4.85 7.21
CA VAL A 123 17.57 -5.86 6.71
C VAL A 123 17.76 -5.57 5.22
N ASN A 124 18.91 -5.96 4.67
CA ASN A 124 19.21 -5.63 3.27
C ASN A 124 18.73 -6.69 2.28
N LYS A 125 17.43 -6.95 2.34
CA LYS A 125 16.77 -7.88 1.42
C LYS A 125 15.26 -7.74 1.58
N ALA A 126 14.53 -8.22 0.59
CA ALA A 126 13.07 -8.17 0.62
C ALA A 126 12.52 -9.01 1.77
N ILE A 127 11.39 -8.57 2.32
CA ILE A 127 10.66 -9.35 3.31
C ILE A 127 9.71 -10.36 2.62
N THR A 128 9.37 -10.07 1.36
CA THR A 128 8.59 -11.00 0.54
C THR A 128 9.49 -12.15 0.07
N PRO A 129 8.91 -13.27 -0.40
CA PRO A 129 9.76 -14.43 -0.73
C PRO A 129 10.72 -14.16 -1.89
N SER A 130 11.98 -14.57 -1.72
CA SER A 130 13.00 -14.31 -2.74
C SER A 130 12.76 -15.02 -4.07
N GLY A 131 12.00 -16.11 -4.04
CA GLY A 131 11.73 -16.85 -5.27
C GLY A 131 10.52 -16.34 -6.04
N TRP A 132 9.88 -15.29 -5.54
CA TRP A 132 8.65 -14.79 -6.12
C TRP A 132 8.74 -13.32 -6.47
N CYS A 134 7.18 -10.10 -6.19
CA CYS A 134 6.19 -9.56 -5.28
C CYS A 134 6.22 -8.04 -5.19
N LEU A 135 5.08 -7.46 -4.83
CA LEU A 135 4.99 -6.02 -4.69
C LEU A 135 3.92 -5.60 -3.71
N ASP A 136 3.95 -4.32 -3.36
CA ASP A 136 2.93 -3.68 -2.55
C ASP A 136 2.79 -4.28 -1.16
N GLY A 137 3.91 -4.72 -0.57
CA GLY A 137 3.88 -5.22 0.79
C GLY A 137 3.41 -4.16 1.77
N SER A 138 2.38 -4.50 2.55
CA SER A 138 1.82 -3.57 3.53
C SER A 138 1.77 -4.21 4.91
N LEU A 139 1.47 -3.39 5.92
CA LEU A 139 1.46 -3.83 7.31
C LEU A 139 0.05 -3.70 7.87
N TYR A 140 -0.42 -4.80 8.45
CA TYR A 140 -1.66 -4.80 9.22
C TYR A 140 -1.34 -5.22 10.65
N ILE A 141 -1.83 -4.44 11.62
CA ILE A 141 -1.67 -4.78 13.03
C ILE A 141 -2.98 -5.35 13.53
N ASP A 142 -2.94 -6.61 13.98
CA ASP A 142 -4.18 -7.28 14.36
C ASP A 142 -4.69 -6.88 15.74
N LYS A 143 -5.80 -7.45 16.16
CA LYS A 143 -6.43 -7.07 17.42
C LYS A 143 -5.52 -7.21 18.65
N GLU A 144 -4.58 -8.15 18.59
CA GLU A 144 -3.65 -8.38 19.68
C GLU A 144 -2.37 -7.56 19.58
N GLY A 145 -2.29 -6.74 18.54
CA GLY A 145 -1.14 -5.88 18.34
C GLY A 145 -0.04 -6.54 17.52
N ASN A 146 -0.33 -7.71 16.96
CA ASN A 146 0.67 -8.46 16.23
C ASN A 146 0.70 -8.11 14.75
N PRO A 147 1.90 -8.01 14.17
CA PRO A 147 2.06 -7.53 12.79
C PRO A 147 1.91 -8.60 11.71
N TRP A 148 1.21 -8.21 10.64
CA TRP A 148 1.03 -9.03 9.46
C TRP A 148 1.54 -8.29 8.24
N LEU A 149 2.20 -9.05 7.37
CA LEU A 149 2.58 -8.59 6.04
C LEU A 149 1.50 -9.03 5.05
N LEU A 150 1.02 -8.10 4.22
CA LEU A 150 0.14 -8.44 3.11
C LEU A 150 0.92 -8.10 1.85
N PHE A 151 0.85 -8.93 0.82
CA PHE A 151 1.55 -8.59 -0.40
C PHE A 151 0.93 -9.21 -1.62
N CYS A 152 1.33 -8.72 -2.79
CA CYS A 152 0.88 -9.28 -4.06
C CYS A 152 1.97 -10.11 -4.68
N ARG A 153 1.58 -11.20 -5.32
CA ARG A 153 2.49 -11.91 -6.18
C ARG A 153 2.07 -11.52 -7.59
N GLU A 154 3.00 -10.93 -8.33
CA GLU A 154 2.69 -10.25 -9.58
C GLU A 154 2.06 -11.12 -10.67
N TRP A 155 1.01 -10.58 -11.28
CA TRP A 155 0.24 -11.29 -12.29
C TRP A 155 1.03 -11.69 -13.52
N LEU A 156 2.12 -10.98 -13.82
CA LEU A 156 2.96 -11.33 -14.95
C LEU A 156 3.57 -12.71 -14.75
N GLU A 157 3.70 -13.11 -13.48
CA GLU A 157 4.23 -14.41 -13.10
C GLU A 157 3.10 -15.42 -12.87
N THR A 158 2.01 -14.97 -12.23
CA THR A 158 0.96 -15.88 -11.77
C THR A 158 -0.26 -15.96 -12.68
N ILE A 159 -0.34 -15.06 -13.66
CA ILE A 159 -1.49 -14.90 -14.57
C ILE A 159 -2.73 -14.34 -13.86
N ASP A 160 -3.33 -15.14 -12.99
CA ASP A 160 -4.35 -14.66 -12.08
C ASP A 160 -3.58 -14.12 -10.87
N GLY A 161 -3.54 -12.79 -10.74
CA GLY A 161 -2.78 -12.14 -9.67
C GLY A 161 -3.20 -12.66 -8.33
N GLU A 162 -2.25 -12.70 -7.39
CA GLU A 162 -2.49 -13.32 -6.09
C GLU A 162 -2.21 -12.32 -4.96
N ILE A 163 -2.96 -12.44 -3.87
CA ILE A 163 -2.68 -11.67 -2.66
C ILE A 163 -2.45 -12.65 -1.50
N TYR A 164 -1.39 -12.37 -0.73
CA TYR A 164 -0.94 -13.24 0.38
C TYR A 164 -0.92 -12.50 1.70
N ALA A 165 -1.08 -13.26 2.79
CA ALA A 165 -0.80 -12.74 4.13
C ALA A 165 0.25 -13.62 4.82
N GLN A 166 1.01 -13.02 5.72
CA GLN A 166 2.03 -13.77 6.45
C GLN A 166 2.34 -13.03 7.74
N ARG A 167 2.46 -13.72 8.87
CA ARG A 167 2.85 -13.03 10.10
C ARG A 167 4.28 -12.51 10.00
N LEU A 168 4.52 -11.35 10.60
CA LEU A 168 5.86 -10.82 10.76
C LEU A 168 6.33 -11.03 12.20
N ALA A 169 7.64 -11.19 12.37
CA ALA A 169 8.24 -11.20 13.69
C ALA A 169 7.96 -9.85 14.36
N LYS A 170 7.99 -9.82 15.68
CA LYS A 170 7.71 -8.57 16.40
C LYS A 170 8.62 -7.40 15.99
N ASP A 171 9.85 -7.69 15.61
CA ASP A 171 10.79 -6.63 15.20
C ASP A 171 10.70 -6.30 13.70
N LEU A 172 9.80 -7.00 12.99
CA LEU A 172 9.54 -6.79 11.55
C LEU A 172 10.71 -7.18 10.67
N LYS A 173 11.73 -7.83 11.24
CA LYS A 173 12.90 -8.17 10.42
C LYS A 173 12.70 -9.40 9.54
N THR A 174 11.86 -10.31 10.01
CA THR A 174 11.66 -11.60 9.37
C THR A 174 10.19 -11.94 9.41
N THR A 175 9.81 -12.98 8.66
CA THR A 175 8.45 -13.50 8.68
C THR A 175 8.37 -14.74 9.55
N GLU A 176 7.14 -15.13 9.86
CA GLU A 176 6.87 -16.38 10.57
C GLU A 176 6.02 -17.25 9.68
N GLY A 177 6.32 -18.55 9.63
CA GLY A 177 5.54 -19.47 8.82
C GLY A 177 5.65 -19.19 7.33
N ASP A 178 4.76 -19.80 6.55
CA ASP A 178 4.76 -19.62 5.12
C ASP A 178 3.71 -18.60 4.72
N PRO A 179 3.90 -17.95 3.56
CA PRO A 179 2.85 -17.04 3.08
C PRO A 179 1.55 -17.82 2.85
N TYR A 180 0.41 -17.18 3.10
CA TYR A 180 -0.87 -17.83 2.92
C TYR A 180 -1.67 -17.11 1.83
N LEU A 181 -2.07 -17.85 0.80
CA LEU A 181 -2.83 -17.27 -0.30
C LEU A 181 -4.26 -16.92 0.13
N LEU A 182 -4.58 -15.64 0.04
CA LEU A 182 -5.90 -15.14 0.44
C LEU A 182 -6.94 -15.31 -0.66
N PHE A 183 -6.59 -14.88 -1.86
CA PHE A 183 -7.46 -15.00 -3.03
C PHE A 183 -6.71 -14.62 -4.27
N LYS A 184 -7.30 -14.98 -5.41
CA LYS A 184 -6.82 -14.53 -6.71
C LYS A 184 -7.77 -13.47 -7.23
N ALA A 185 -7.25 -12.56 -8.05
CA ALA A 185 -8.03 -11.41 -8.51
C ALA A 185 -9.34 -11.80 -9.21
N SER A 186 -9.32 -12.92 -9.92
CA SER A 186 -10.51 -13.34 -10.68
C SER A 186 -11.71 -13.69 -9.79
N GLU A 187 -11.48 -13.81 -8.49
CA GLU A 187 -12.58 -14.11 -7.57
C GLU A 187 -13.55 -12.94 -7.41
N ALA A 188 -13.07 -11.74 -7.73
CA ALA A 188 -13.94 -10.56 -7.70
C ALA A 188 -14.66 -10.43 -9.03
N PRO A 189 -16.00 -10.38 -8.99
CA PRO A 189 -16.77 -10.38 -10.24
C PRO A 189 -16.54 -9.15 -11.11
N TRP A 190 -16.06 -8.06 -10.52
CA TRP A 190 -15.90 -6.82 -11.27
C TRP A 190 -14.61 -6.81 -12.08
N VAL A 191 -13.72 -7.75 -11.78
CA VAL A 191 -12.39 -7.74 -12.37
C VAL A 191 -12.40 -8.21 -13.84
N GLY A 192 -11.66 -7.49 -14.68
CA GLY A 192 -11.44 -7.92 -16.05
C GLY A 192 -9.96 -8.07 -16.33
N SER A 193 -9.61 -8.98 -17.24
CA SER A 193 -8.21 -9.19 -17.58
C SER A 193 -7.65 -8.07 -18.43
N ILE A 194 -6.35 -7.84 -18.30
CA ILE A 194 -5.65 -6.92 -19.18
C ILE A 194 -4.53 -7.67 -19.88
N THR A 195 -3.99 -7.05 -20.93
CA THR A 195 -2.90 -7.66 -21.68
C THR A 195 -1.67 -6.77 -21.63
N SER A 196 -0.55 -7.34 -21.20
CA SER A 196 0.71 -6.60 -21.18
C SER A 196 1.88 -7.57 -21.17
N SER A 197 2.98 -7.18 -21.80
CA SER A 197 4.22 -7.97 -21.78
C SER A 197 4.00 -9.41 -22.22
N GLY A 198 3.11 -9.57 -23.20
CA GLY A 198 2.85 -10.88 -23.77
C GLY A 198 1.88 -11.75 -22.99
N VAL A 199 1.25 -11.19 -21.96
CA VAL A 199 0.41 -11.97 -21.06
C VAL A 199 -0.97 -11.33 -20.86
N THR A 200 -2.01 -12.16 -20.81
CA THR A 200 -3.35 -11.68 -20.47
C THR A 200 -3.76 -12.28 -19.13
N GLY A 201 -4.02 -11.42 -18.15
CA GLY A 201 -4.32 -11.90 -16.81
C GLY A 201 -4.93 -10.81 -15.96
N ASN A 202 -5.00 -11.07 -14.65
CA ASN A 202 -5.70 -10.18 -13.72
C ASN A 202 -4.76 -9.61 -12.68
N VAL A 203 -4.73 -8.29 -12.58
CA VAL A 203 -3.83 -7.59 -11.68
C VAL A 203 -4.29 -7.69 -10.21
N THR A 204 -3.34 -7.88 -9.30
CA THR A 204 -3.54 -7.58 -7.89
C THR A 204 -2.58 -6.48 -7.46
N ASP A 205 -3.15 -5.40 -6.92
CA ASP A 205 -2.38 -4.27 -6.39
C ASP A 205 -2.88 -3.94 -4.98
N ALA A 206 -1.97 -3.43 -4.15
CA ALA A 206 -2.34 -2.58 -3.01
C ALA A 206 -3.19 -3.15 -1.86
N PRO A 207 -2.97 -4.40 -1.45
CA PRO A 207 -3.80 -4.87 -0.32
C PRO A 207 -3.63 -4.05 0.95
N PHE A 208 -4.75 -3.75 1.59
CA PHE A 208 -4.76 -3.00 2.84
C PHE A 208 -5.97 -3.42 3.66
N ILE A 209 -5.75 -3.80 4.91
CA ILE A 209 -6.85 -4.23 5.77
C ILE A 209 -7.21 -3.15 6.79
N TYR A 210 -8.51 -2.95 6.95
CA TYR A 210 -9.05 -2.12 8.02
C TYR A 210 -9.95 -2.97 8.90
N ARG A 211 -9.73 -2.94 10.21
CA ARG A 211 -10.52 -3.75 11.15
C ARG A 211 -11.66 -2.93 11.72
N LEU A 212 -12.87 -3.46 11.62
CA LEU A 212 -14.04 -2.80 12.18
C LEU A 212 -14.14 -3.03 13.68
N ASP A 213 -14.97 -2.24 14.36
CA ASP A 213 -15.08 -2.32 15.81
C ASP A 213 -15.56 -3.69 16.29
N ASP A 214 -16.32 -4.40 15.46
CA ASP A 214 -16.78 -5.73 15.84
C ASP A 214 -15.78 -6.84 15.48
N GLY A 215 -14.62 -6.46 14.98
CA GLY A 215 -13.58 -7.42 14.68
C GLY A 215 -13.58 -7.93 13.25
N LYS A 216 -14.64 -7.63 12.50
CA LYS A 216 -14.65 -8.00 11.09
C LYS A 216 -13.62 -7.19 10.32
N LEU A 217 -13.11 -7.76 9.23
CA LEU A 217 -12.07 -7.10 8.45
C LEU A 217 -12.56 -6.75 7.08
N ILE A 218 -12.21 -5.55 6.63
CA ILE A 218 -12.36 -5.18 5.23
C ILE A 218 -10.98 -5.07 4.60
N LEU A 220 -9.15 -3.55 1.23
CA LEU A 220 -9.18 -2.84 -0.03
C LEU A 220 -8.03 -3.33 -0.89
N TRP A 221 -8.25 -3.34 -2.20
CA TRP A 221 -7.20 -3.70 -3.14
C TRP A 221 -7.59 -3.18 -4.51
N SER A 222 -6.65 -3.20 -5.46
CA SER A 222 -6.94 -2.66 -6.79
C SER A 222 -6.68 -3.62 -7.93
N SER A 223 -7.47 -3.43 -8.98
CA SER A 223 -7.34 -4.15 -10.25
C SER A 223 -8.04 -3.35 -11.32
N PHE A 224 -8.21 -3.94 -12.49
CA PHE A 224 -8.92 -3.27 -13.59
C PHE A 224 -10.31 -3.85 -13.76
N ARG A 225 -11.27 -3.00 -14.10
CA ARG A 225 -12.68 -3.38 -14.22
C ARG A 225 -12.98 -3.99 -15.58
N LYS A 226 -13.81 -5.03 -15.60
CA LYS A 226 -14.19 -5.67 -16.85
C LYS A 226 -15.12 -4.82 -17.71
N THR A 227 -15.91 -3.95 -17.08
CA THR A 227 -16.89 -3.17 -17.84
C THR A 227 -16.25 -2.14 -18.77
N ASP A 228 -15.23 -1.42 -18.27
CA ASP A 228 -14.67 -0.29 -19.01
C ASP A 228 -13.14 -0.19 -18.96
N GLY A 229 -12.49 -1.13 -18.31
CA GLY A 229 -11.03 -1.17 -18.29
C GLY A 229 -10.39 -0.19 -17.31
N LYS A 230 -11.21 0.50 -16.53
CA LYS A 230 -10.68 1.43 -15.53
C LYS A 230 -9.98 0.75 -14.37
N TYR A 231 -8.95 1.39 -13.86
CA TYR A 231 -8.33 0.98 -12.61
C TYR A 231 -9.36 1.30 -11.53
N ALA A 232 -9.40 0.50 -10.48
CA ALA A 232 -10.45 0.66 -9.48
C ALA A 232 -10.05 0.11 -8.13
N ILE A 233 -10.84 0.48 -7.13
CA ILE A 233 -10.70 -0.03 -5.77
C ILE A 233 -11.82 -1.04 -5.54
N GLY A 234 -11.44 -2.25 -5.16
CA GLY A 234 -12.40 -3.26 -4.76
C GLY A 234 -12.31 -3.48 -3.28
N GLN A 235 -13.34 -4.09 -2.71
CA GLN A 235 -13.29 -4.44 -1.29
C GLN A 235 -13.71 -5.89 -1.10
N ALA A 236 -13.18 -6.49 -0.04
CA ALA A 236 -13.56 -7.84 0.36
C ALA A 236 -13.72 -7.85 1.86
N VAL A 237 -14.58 -8.72 2.36
CA VAL A 237 -14.87 -8.77 3.79
C VAL A 237 -14.51 -10.13 4.35
N SER A 238 -13.82 -10.14 5.49
CA SER A 238 -13.63 -11.36 6.27
C SER A 238 -14.46 -11.25 7.54
N ALA A 239 -15.66 -11.83 7.50
CA ALA A 239 -16.61 -11.74 8.61
C ALA A 239 -16.12 -12.53 9.82
N SER A 240 -15.19 -13.46 9.57
CA SER A 240 -14.65 -14.31 10.63
C SER A 240 -13.70 -13.53 11.52
N GLY A 241 -13.23 -12.38 11.03
CA GLY A 241 -12.19 -11.63 11.72
C GLY A 241 -10.80 -12.25 11.56
N ASN A 242 -10.71 -13.27 10.71
CA ASN A 242 -9.43 -13.94 10.45
C ASN A 242 -8.74 -13.26 9.27
N VAL A 243 -7.48 -12.90 9.43
CA VAL A 243 -6.72 -12.31 8.32
C VAL A 243 -6.69 -13.27 7.12
N LEU A 244 -6.74 -14.57 7.41
CA LEU A 244 -6.65 -15.58 6.35
C LEU A 244 -7.96 -15.79 5.60
N GLY A 245 -9.05 -15.22 6.09
CA GLY A 245 -10.32 -15.31 5.41
C GLY A 245 -11.34 -16.20 6.13
N PRO A 246 -12.32 -16.74 5.39
CA PRO A 246 -12.50 -16.53 3.94
C PRO A 246 -12.88 -15.09 3.60
N TRP A 247 -12.31 -14.62 2.49
CA TRP A 247 -12.59 -13.29 2.00
C TRP A 247 -13.73 -13.34 0.97
N VAL A 248 -14.75 -12.51 1.19
CA VAL A 248 -15.88 -12.46 0.27
C VAL A 248 -15.80 -11.14 -0.50
N GLN A 249 -15.62 -11.24 -1.82
CA GLN A 249 -15.49 -10.06 -2.68
C GLN A 249 -16.83 -9.38 -2.90
N GLU A 250 -16.85 -8.05 -2.76
CA GLU A 250 -18.03 -7.28 -3.12
C GLU A 250 -18.05 -7.13 -4.63
N PRO A 251 -19.25 -7.20 -5.22
CA PRO A 251 -19.35 -7.23 -6.69
C PRO A 251 -19.10 -5.88 -7.34
N GLU A 252 -19.23 -4.78 -6.59
CA GLU A 252 -19.07 -3.45 -7.18
C GLU A 252 -17.82 -2.76 -6.66
N THR A 253 -17.14 -2.01 -7.52
CA THR A 253 -15.99 -1.23 -7.08
C THR A 253 -16.45 -0.01 -6.29
N LEU A 254 -15.56 0.55 -5.48
CA LEU A 254 -15.91 1.74 -4.71
C LEU A 254 -16.04 2.96 -5.61
N ASN A 255 -15.34 2.93 -6.74
CA ASN A 255 -15.13 4.14 -7.53
C ASN A 255 -15.20 3.90 -9.03
N SER A 256 -15.44 4.96 -9.80
CA SER A 256 -15.50 4.88 -11.25
C SER A 256 -14.64 5.97 -11.88
N ASP A 257 -13.67 6.48 -11.12
CA ASP A 257 -12.83 7.56 -11.59
C ASP A 257 -11.43 7.12 -12.08
N ASP A 258 -11.29 5.83 -12.39
CA ASP A 258 -10.02 5.28 -12.89
C ASP A 258 -8.92 5.45 -11.85
N GLY A 259 -9.33 5.41 -10.58
CA GLY A 259 -8.39 5.57 -9.48
C GLY A 259 -8.15 4.31 -8.69
N GLY A 260 -7.03 4.25 -7.97
CA GLY A 260 -6.77 3.08 -7.15
C GLY A 260 -5.55 3.20 -6.26
N HIS A 261 -5.12 2.06 -5.74
CA HIS A 261 -4.10 1.97 -4.68
C HIS A 261 -4.47 2.81 -3.48
N ALA A 262 -5.50 2.34 -2.77
CA ALA A 262 -6.11 3.07 -1.67
C ALA A 262 -5.69 2.55 -0.32
N VAL A 264 -6.96 3.55 4.04
CA VAL A 264 -7.82 4.37 4.88
C VAL A 264 -7.12 4.72 6.18
N PHE A 265 -7.51 5.85 6.74
CA PHE A 265 -6.94 6.32 7.99
C PHE A 265 -7.91 7.23 8.70
N LYS A 266 -7.71 7.43 9.99
CA LYS A 266 -8.46 8.46 10.69
C LYS A 266 -7.63 9.72 10.79
N ASP A 267 -8.25 10.84 10.43
CA ASP A 267 -7.56 12.12 10.55
C ASP A 267 -7.43 12.52 12.03
N LEU A 268 -6.85 13.70 12.28
CA LEU A 268 -6.57 14.12 13.65
C LEU A 268 -7.83 14.34 14.49
N LYS A 269 -8.97 14.50 13.81
CA LYS A 269 -10.25 14.66 14.48
C LYS A 269 -11.01 13.34 14.60
N GLY A 270 -10.43 12.26 14.09
CA GLY A 270 -11.06 10.95 14.21
C GLY A 270 -11.94 10.56 13.03
N ARG A 271 -11.98 11.41 11.99
CA ARG A 271 -12.80 11.13 10.81
C ARG A 271 -12.11 10.12 9.91
N LEU A 272 -12.84 9.07 9.52
CA LEU A 272 -12.26 8.08 8.60
C LEU A 272 -12.16 8.66 7.18
N ILE A 274 -10.29 8.08 3.06
CA ILE A 274 -9.60 7.24 2.10
C ILE A 274 -8.63 8.11 1.30
N SER A 275 -7.48 7.52 0.95
CA SER A 275 -6.49 8.17 0.09
C SER A 275 -6.13 7.23 -1.05
N TYR A 276 -6.20 7.73 -2.28
CA TYR A 276 -5.83 6.95 -3.46
C TYR A 276 -5.46 7.90 -4.58
N HIS A 277 -4.97 7.39 -5.71
CA HIS A 277 -4.71 8.31 -6.83
C HIS A 277 -5.73 8.12 -7.93
N ALA A 278 -5.99 9.18 -8.67
CA ALA A 278 -6.84 9.13 -9.86
C ALA A 278 -6.43 10.25 -10.79
N PRO A 279 -6.63 10.08 -12.11
CA PRO A 279 -6.92 8.83 -12.80
C PRO A 279 -5.63 8.01 -12.80
N ASN A 280 -5.55 6.99 -13.64
CA ASN A 280 -4.44 6.05 -13.52
C ASN A 280 -3.30 6.30 -14.52
N SER A 281 -3.38 7.39 -15.25
CA SER A 281 -2.32 7.74 -16.20
C SER A 281 -2.30 9.24 -16.43
N GLN A 282 -1.14 9.73 -16.89
CA GLN A 282 -0.95 11.12 -17.32
C GLN A 282 -1.00 12.17 -16.22
N THR A 283 -2.07 12.15 -15.43
CA THR A 283 -2.29 13.22 -14.45
C THR A 283 -2.65 12.70 -13.07
N GLU A 284 -2.11 11.53 -12.71
CA GLU A 284 -2.42 10.92 -11.40
C GLU A 284 -2.19 11.90 -10.26
N HIS A 285 -3.18 12.02 -9.39
CA HIS A 285 -3.08 12.93 -8.25
C HIS A 285 -3.83 12.34 -7.06
N PRO A 286 -3.47 12.74 -5.85
CA PRO A 286 -4.12 12.15 -4.67
C PRO A 286 -5.54 12.63 -4.50
N VAL A 287 -6.41 11.68 -4.19
CA VAL A 287 -7.79 11.96 -3.83
C VAL A 287 -7.91 11.53 -2.38
N ILE A 288 -8.18 12.49 -1.51
CA ILE A 288 -8.24 12.22 -0.06
C ILE A 288 -9.58 12.76 0.40
N THR A 289 -10.48 11.86 0.79
CA THR A 289 -11.88 12.22 1.02
CA THR A 289 -11.86 12.24 1.03
C THR A 289 -12.47 11.37 2.12
N PRO A 290 -13.51 11.89 2.81
CA PRO A 290 -14.13 11.07 3.86
C PRO A 290 -14.73 9.79 3.29
N ILE A 291 -14.70 8.74 4.08
CA ILE A 291 -15.31 7.48 3.69
C ILE A 291 -16.12 6.94 4.85
N TYR A 292 -17.17 6.20 4.55
CA TYR A 292 -18.11 5.76 5.57
C TYR A 292 -18.35 4.27 5.49
N ILE A 293 -18.66 3.69 6.64
CA ILE A 293 -19.00 2.27 6.71
C ILE A 293 -20.51 2.15 6.86
N LYS A 294 -21.12 1.33 6.01
CA LYS A 294 -22.55 1.11 6.08
C LYS A 294 -22.79 -0.38 5.88
N ASP A 295 -23.52 -0.99 6.80
CA ASP A 295 -23.80 -2.42 6.75
C ASP A 295 -22.53 -3.25 6.62
N GLY A 296 -21.48 -2.83 7.34
CA GLY A 296 -20.27 -3.61 7.46
C GLY A 296 -19.31 -3.53 6.31
N LYS A 297 -19.50 -2.55 5.42
CA LYS A 297 -18.60 -2.38 4.30
C LYS A 297 -18.54 -0.93 3.84
N PHE A 298 -17.63 -0.61 2.94
CA PHE A 298 -17.51 0.75 2.43
C PHE A 298 -18.50 1.00 1.29
#